data_5J19
#
_entry.id   5J19
#
_cell.length_a   84.880
_cell.length_b   91.997
_cell.length_c   159.222
_cell.angle_alpha   90.000
_cell.angle_beta   90.000
_cell.angle_gamma   90.000
#
_symmetry.space_group_name_H-M   'C 2 2 21'
#
loop_
_entity.id
_entity.type
_entity.pdbx_description
1 polymer 'Serine/threonine-protein kinase PLK1'
2 polymer 'Phosphorylated peptide from Partner of Numb'
3 non-polymer GLYCEROL
4 water water
#
loop_
_entity_poly.entity_id
_entity_poly.type
_entity_poly.pdbx_seq_one_letter_code
_entity_poly.pdbx_strand_id
1 'polypeptide(L)'
;GPGSEFGEVVDCHLSDMLQQLHSVNASKPSERGLVRQEEAEDPACIPIFWVSKWVDYSDKYGLGYQLCDNSVGVLFNDST
RLILYNDGDSLQYIERDGTESYLTVSSHPNSLMKKITLLKYFRNYMSEHLLKAGANITPREGDELARLPYLRTWFRTRSA
IILHLSNGSVQINFFQDHTKLILCPLMAAVTYIDEKRDFRTYRLSLLEEYGCCKELASRLRYARTMVDKLLSSR
;
A,B
2 'polypeptide(L)' ESCFTNAAFSS(TPO)PKK C,D
#
loop_
_chem_comp.id
_chem_comp.type
_chem_comp.name
_chem_comp.formula
GOL non-polymer GLYCEROL 'C3 H8 O3'
#
# COMPACT_ATOMS: atom_id res chain seq x y z
N ASP A 11 -6.22 -6.97 -6.13
CA ASP A 11 -6.70 -7.04 -7.50
C ASP A 11 -6.19 -5.84 -8.31
N CYS A 12 -5.93 -4.73 -7.61
CA CYS A 12 -5.51 -3.50 -8.30
C CYS A 12 -4.22 -3.69 -9.08
N HIS A 13 -3.23 -4.36 -8.50
CA HIS A 13 -1.96 -4.65 -9.20
C HIS A 13 -2.22 -5.33 -10.55
N LEU A 14 -3.02 -6.40 -10.51
CA LEU A 14 -3.30 -7.19 -11.70
C LEU A 14 -4.11 -6.42 -12.75
N SER A 15 -5.07 -5.61 -12.29
CA SER A 15 -5.83 -4.75 -13.20
C SER A 15 -4.91 -3.77 -13.88
N ASP A 16 -4.04 -3.13 -13.10
CA ASP A 16 -3.07 -2.22 -13.68
C ASP A 16 -2.27 -2.94 -14.73
N MET A 17 -1.67 -4.07 -14.36
CA MET A 17 -0.82 -4.83 -15.28
C MET A 17 -1.58 -5.19 -16.54
N LEU A 18 -2.86 -5.50 -16.39
CA LEU A 18 -3.69 -5.88 -17.53
C LEU A 18 -3.84 -4.68 -18.46
N GLN A 19 -4.15 -3.51 -17.89
CA GLN A 19 -4.27 -2.30 -18.71
C GLN A 19 -2.96 -1.97 -19.42
N GLN A 20 -1.84 -2.05 -18.70
CA GLN A 20 -0.51 -1.77 -19.25
C GLN A 20 -0.18 -2.70 -20.43
N LEU A 21 -0.34 -4.01 -20.20
CA LEU A 21 -0.09 -4.99 -21.26
C LEU A 21 -1.05 -4.84 -22.45
N HIS A 22 -2.33 -4.66 -22.19
CA HIS A 22 -3.33 -4.51 -23.25
C HIS A 22 -2.98 -3.30 -24.11
N SER A 23 -2.57 -2.22 -23.44
CA SER A 23 -2.18 -1.02 -24.14
C SER A 23 -0.96 -1.30 -25.04
N VAL A 24 0.08 -1.91 -24.48
CA VAL A 24 1.28 -2.18 -25.27
C VAL A 24 1.00 -3.10 -26.48
N ASN A 25 0.21 -4.15 -26.24
CA ASN A 25 -0.05 -5.15 -27.25
C ASN A 25 -0.94 -4.60 -28.36
N ALA A 26 -1.95 -3.81 -27.99
CA ALA A 26 -2.81 -3.18 -29.00
C ALA A 26 -1.99 -2.30 -29.97
N SER A 27 -0.85 -1.81 -29.49
CA SER A 27 0.07 -1.00 -30.29
C SER A 27 0.81 -1.78 -31.39
N LYS A 28 0.74 -3.11 -31.34
CA LYS A 28 1.44 -3.98 -32.31
C LYS A 28 2.91 -3.59 -32.48
N PRO A 29 3.71 -3.76 -31.42
CA PRO A 29 5.06 -3.18 -31.31
C PRO A 29 6.09 -3.84 -32.22
N SER A 30 5.80 -5.03 -32.73
CA SER A 30 6.75 -5.72 -33.60
C SER A 30 6.50 -5.41 -35.08
N GLU A 31 5.40 -4.71 -35.36
CA GLU A 31 5.03 -4.39 -36.73
C GLU A 31 5.48 -2.99 -37.17
N ARG A 32 6.07 -2.25 -36.24
CA ARG A 32 6.53 -0.89 -36.54
C ARG A 32 7.73 -0.90 -37.47
N VAL A 35 12.02 0.01 -36.00
CA VAL A 35 12.22 -0.51 -34.65
C VAL A 35 13.24 0.32 -33.87
N ARG A 36 12.93 0.59 -32.60
CA ARG A 36 13.83 1.32 -31.72
C ARG A 36 13.74 0.78 -30.29
N GLN A 37 13.75 -0.55 -30.17
CA GLN A 37 13.60 -1.26 -28.90
C GLN A 37 14.56 -0.81 -27.81
N GLU A 38 15.80 -0.49 -28.19
CA GLU A 38 16.80 -0.05 -27.22
C GLU A 38 16.43 1.30 -26.62
N GLU A 39 15.63 2.07 -27.36
CA GLU A 39 15.15 3.35 -26.82
C GLU A 39 14.12 3.14 -25.70
N ALA A 40 13.62 1.93 -25.57
CA ALA A 40 12.59 1.65 -24.55
C ALA A 40 13.21 1.21 -23.23
N GLU A 41 14.51 0.95 -23.25
CA GLU A 41 15.23 0.55 -22.04
C GLU A 41 15.22 1.66 -20.99
N ASP A 42 14.94 1.29 -19.75
CA ASP A 42 14.98 2.20 -18.63
C ASP A 42 15.69 1.45 -17.51
N PRO A 43 17.00 1.70 -17.38
CA PRO A 43 17.86 0.95 -16.45
C PRO A 43 17.47 1.16 -15.00
N ALA A 44 16.73 2.22 -14.70
CA ALA A 44 16.33 2.49 -13.33
C ALA A 44 15.08 1.71 -12.92
N CYS A 45 14.52 0.95 -13.86
CA CYS A 45 13.30 0.18 -13.62
C CYS A 45 13.58 -1.28 -13.25
N ILE A 46 14.86 -1.64 -13.16
CA ILE A 46 15.24 -2.99 -12.76
C ILE A 46 14.51 -3.34 -11.46
N PRO A 47 13.97 -4.56 -11.39
CA PRO A 47 13.22 -4.95 -10.20
C PRO A 47 14.12 -5.15 -8.97
N ILE A 48 13.50 -5.06 -7.79
CA ILE A 48 14.18 -5.33 -6.51
C ILE A 48 14.18 -6.82 -6.22
N PHE A 49 13.06 -7.49 -6.53
CA PHE A 49 12.87 -8.90 -6.22
C PHE A 49 12.42 -9.72 -7.45
N TRP A 50 12.96 -10.92 -7.60
CA TRP A 50 12.34 -11.90 -8.52
C TRP A 50 12.61 -13.26 -7.95
N VAL A 51 12.03 -14.29 -8.57
CA VAL A 51 12.21 -15.66 -8.11
C VAL A 51 13.45 -16.22 -8.82
N SER A 52 14.46 -16.58 -8.06
CA SER A 52 15.69 -17.04 -8.67
C SER A 52 15.62 -18.55 -8.79
N LYS A 53 14.82 -19.19 -7.93
CA LYS A 53 14.74 -20.66 -7.94
C LYS A 53 13.35 -21.15 -7.49
N TRP A 54 12.96 -22.35 -7.92
CA TRP A 54 11.71 -22.97 -7.43
C TRP A 54 11.72 -24.49 -7.54
N VAL A 55 10.90 -25.11 -6.68
CA VAL A 55 10.71 -26.56 -6.68
C VAL A 55 9.22 -26.82 -6.55
N ASP A 56 8.65 -27.43 -7.58
CA ASP A 56 7.24 -27.80 -7.50
C ASP A 56 7.13 -29.19 -6.90
N TYR A 57 6.96 -29.27 -5.59
CA TYR A 57 6.64 -30.57 -4.97
C TYR A 57 5.16 -30.57 -4.57
N SER A 58 4.31 -30.04 -5.44
CA SER A 58 2.88 -29.98 -5.13
C SER A 58 2.26 -31.39 -5.05
N ASP A 59 2.96 -32.42 -5.52
CA ASP A 59 2.43 -33.77 -5.35
C ASP A 59 2.30 -34.09 -3.86
N LYS A 60 3.15 -33.49 -3.03
CA LYS A 60 3.23 -33.88 -1.62
C LYS A 60 3.05 -32.72 -0.64
N TYR A 61 3.75 -31.61 -0.87
CA TYR A 61 3.81 -30.53 0.11
C TYR A 61 3.38 -29.20 -0.44
N GLY A 62 3.89 -28.86 -1.62
CA GLY A 62 3.59 -27.55 -2.17
C GLY A 62 4.74 -27.02 -2.99
N LEU A 63 4.80 -25.71 -3.15
CA LEU A 63 5.81 -25.12 -4.00
C LEU A 63 6.82 -24.34 -3.17
N GLY A 64 8.10 -24.74 -3.24
CA GLY A 64 9.15 -23.99 -2.56
C GLY A 64 9.83 -23.06 -3.55
N TYR A 65 10.34 -21.93 -3.08
CA TYR A 65 10.98 -20.98 -3.96
C TYR A 65 12.04 -20.19 -3.22
N GLN A 66 12.91 -19.57 -4.02
CA GLN A 66 13.95 -18.71 -3.49
C GLN A 66 13.87 -17.43 -4.30
N LEU A 67 13.96 -16.30 -3.58
CA LEU A 67 14.00 -15.00 -4.23
C LEU A 67 15.44 -14.60 -4.43
N CYS A 68 15.66 -13.57 -5.24
CA CYS A 68 17.01 -13.19 -5.63
C CYS A 68 17.87 -12.69 -4.47
N ASP A 69 17.26 -12.33 -3.34
CA ASP A 69 18.05 -11.98 -2.17
C ASP A 69 18.46 -13.19 -1.34
N ASN A 70 18.20 -14.39 -1.86
CA ASN A 70 18.46 -15.65 -1.15
C ASN A 70 17.49 -16.01 -0.01
N SER A 71 16.48 -15.17 0.23
CA SER A 71 15.42 -15.57 1.14
C SER A 71 14.65 -16.71 0.47
N VAL A 72 13.91 -17.50 1.24
CA VAL A 72 13.18 -18.63 0.67
C VAL A 72 11.75 -18.68 1.23
N GLY A 73 10.85 -19.35 0.52
CA GLY A 73 9.49 -19.50 1.00
C GLY A 73 8.85 -20.78 0.49
N VAL A 74 7.75 -21.17 1.10
CA VAL A 74 6.94 -22.26 0.61
C VAL A 74 5.47 -21.86 0.67
N LEU A 75 4.76 -22.14 -0.44
CA LEU A 75 3.30 -22.07 -0.48
C LEU A 75 2.82 -23.51 -0.41
N PHE A 76 2.31 -23.90 0.75
CA PHE A 76 1.92 -25.27 0.99
C PHE A 76 0.58 -25.62 0.34
N ASN A 77 0.34 -26.92 0.13
CA ASN A 77 -0.91 -27.38 -0.45
C ASN A 77 -2.16 -26.94 0.33
N ASP A 78 -1.98 -26.60 1.60
CA ASP A 78 -3.10 -26.23 2.47
C ASP A 78 -3.33 -24.71 2.45
N SER A 79 -2.66 -24.05 1.50
CA SER A 79 -2.78 -22.60 1.29
C SER A 79 -2.18 -21.70 2.38
N THR A 80 -1.39 -22.27 3.28
CA THR A 80 -0.61 -21.44 4.17
C THR A 80 0.76 -21.17 3.52
N ARG A 81 1.48 -20.18 4.05
CA ARG A 81 2.79 -19.81 3.52
C ARG A 81 3.80 -19.64 4.64
N LEU A 82 5.02 -20.11 4.40
CA LEU A 82 6.10 -19.90 5.35
C LEU A 82 7.25 -19.26 4.62
N ILE A 83 7.77 -18.19 5.20
CA ILE A 83 8.80 -17.36 4.59
C ILE A 83 10.04 -17.25 5.50
N LEU A 84 11.21 -17.56 4.97
CA LEU A 84 12.46 -17.42 5.71
C LEU A 84 13.31 -16.31 5.10
N TYR A 85 13.60 -15.28 5.88
CA TYR A 85 14.45 -14.16 5.44
C TYR A 85 15.89 -14.60 5.19
N ASN A 86 16.64 -13.78 4.45
CA ASN A 86 17.98 -14.16 4.06
C ASN A 86 18.98 -14.14 5.24
N ASP A 87 18.53 -13.66 6.40
CA ASP A 87 19.34 -13.81 7.60
C ASP A 87 19.38 -15.26 8.07
N GLY A 88 18.54 -16.09 7.44
CA GLY A 88 18.54 -17.52 7.71
C GLY A 88 17.92 -17.84 9.06
N ASP A 89 17.20 -16.87 9.62
CA ASP A 89 16.69 -17.04 10.97
C ASP A 89 15.26 -16.55 11.18
N SER A 90 14.93 -15.37 10.66
CA SER A 90 13.59 -14.81 10.84
C SER A 90 12.56 -15.50 9.92
N LEU A 91 11.39 -15.79 10.47
CA LEU A 91 10.30 -16.42 9.73
C LEU A 91 9.04 -15.55 9.76
N GLN A 92 8.32 -15.55 8.64
CA GLN A 92 6.98 -15.00 8.58
C GLN A 92 6.03 -16.09 8.14
N TYR A 93 4.95 -16.27 8.89
CA TYR A 93 3.97 -17.30 8.59
C TYR A 93 2.63 -16.65 8.29
N ILE A 94 1.95 -17.15 7.27
CA ILE A 94 0.64 -16.61 6.92
C ILE A 94 -0.40 -17.73 6.86
N GLU A 95 -1.39 -17.68 7.74
CA GLU A 95 -2.48 -18.67 7.73
C GLU A 95 -3.33 -18.48 6.48
N ARG A 96 -4.22 -19.44 6.22
CA ARG A 96 -5.08 -19.40 5.04
C ARG A 96 -6.00 -18.17 5.09
N ASP A 97 -6.37 -17.77 6.31
CA ASP A 97 -7.26 -16.63 6.53
C ASP A 97 -6.54 -15.29 6.45
N GLY A 98 -5.23 -15.32 6.23
CA GLY A 98 -4.46 -14.10 6.04
C GLY A 98 -3.71 -13.65 7.28
N THR A 99 -4.08 -14.20 8.43
CA THR A 99 -3.41 -13.86 9.67
C THR A 99 -1.91 -14.11 9.57
N GLU A 100 -1.12 -13.07 9.84
CA GLU A 100 0.33 -13.18 9.78
C GLU A 100 0.90 -13.30 11.18
N SER A 101 2.07 -13.92 11.27
CA SER A 101 2.79 -14.08 12.53
C SER A 101 4.28 -14.02 12.25
N TYR A 102 5.04 -13.59 13.24
CA TYR A 102 6.47 -13.40 13.07
C TYR A 102 7.24 -14.20 14.10
N LEU A 103 8.19 -15.01 13.63
CA LEU A 103 8.84 -15.95 14.51
C LEU A 103 10.29 -16.18 14.09
N THR A 104 10.95 -17.14 14.71
CA THR A 104 12.28 -17.51 14.26
C THR A 104 12.41 -19.02 14.21
N VAL A 105 13.40 -19.49 13.45
CA VAL A 105 13.83 -20.89 13.47
C VAL A 105 14.11 -21.33 14.90
N SER A 106 14.55 -20.39 15.73
CA SER A 106 14.98 -20.66 17.10
C SER A 106 13.82 -20.67 18.11
N SER A 107 12.79 -19.87 17.83
CA SER A 107 11.63 -19.78 18.72
C SER A 107 10.34 -19.83 17.90
N HIS A 108 9.65 -20.97 17.97
CA HIS A 108 8.42 -21.18 17.19
C HIS A 108 7.50 -22.19 17.87
N PRO A 109 6.18 -22.07 17.63
CA PRO A 109 5.22 -23.02 18.19
C PRO A 109 5.50 -24.42 17.69
N ASN A 110 5.25 -25.43 18.50
CA ASN A 110 5.40 -26.82 18.06
C ASN A 110 4.62 -27.06 16.76
N SER A 111 3.48 -26.41 16.64
CA SER A 111 2.61 -26.62 15.48
C SER A 111 3.29 -26.28 14.14
N LEU A 112 4.25 -25.36 14.14
CA LEU A 112 4.97 -25.01 12.91
C LEU A 112 6.20 -25.90 12.61
N MET A 113 6.59 -26.75 13.56
CA MET A 113 7.80 -27.57 13.43
C MET A 113 7.89 -28.23 12.07
N LYS A 114 6.91 -29.10 11.76
CA LYS A 114 6.88 -29.80 10.49
C LYS A 114 7.12 -28.87 9.30
N LYS A 115 6.41 -27.75 9.26
CA LYS A 115 6.50 -26.89 8.08
C LYS A 115 7.89 -26.26 8.01
N ILE A 116 8.41 -25.91 9.18
CA ILE A 116 9.76 -25.34 9.22
C ILE A 116 10.73 -26.38 8.65
N THR A 117 10.54 -27.63 9.07
CA THR A 117 11.42 -28.69 8.60
C THR A 117 11.33 -28.76 7.07
N LEU A 118 10.10 -28.69 6.56
CA LEU A 118 9.92 -28.84 5.12
C LEU A 118 10.62 -27.69 4.43
N LEU A 119 10.49 -26.49 5.02
CA LEU A 119 11.08 -25.34 4.38
C LEU A 119 12.60 -25.56 4.30
N LYS A 120 13.19 -26.10 5.36
CA LYS A 120 14.63 -26.28 5.34
C LYS A 120 15.03 -27.31 4.23
N TYR A 121 14.20 -28.34 4.06
CA TYR A 121 14.51 -29.33 3.02
C TYR A 121 14.46 -28.64 1.64
N PHE A 122 13.45 -27.79 1.46
CA PHE A 122 13.35 -27.08 0.19
C PHE A 122 14.63 -26.25 0.01
N ARG A 123 15.04 -25.58 1.09
CA ARG A 123 16.20 -24.69 0.99
CA ARG A 123 16.19 -24.68 0.98
C ARG A 123 17.42 -25.51 0.57
N ASN A 124 17.59 -26.66 1.21
CA ASN A 124 18.74 -27.51 0.87
C ASN A 124 18.73 -27.81 -0.62
N TYR A 125 17.55 -28.28 -1.07
CA TYR A 125 17.45 -28.80 -2.41
C TYR A 125 17.80 -27.65 -3.33
N MET A 126 17.26 -26.47 -3.06
CA MET A 126 17.44 -25.38 -4.02
C MET A 126 18.88 -24.89 -4.02
N SER A 127 19.48 -24.87 -2.83
CA SER A 127 20.79 -24.24 -2.71
C SER A 127 21.80 -25.05 -3.50
N GLU A 128 21.73 -26.36 -3.33
CA GLU A 128 22.75 -27.20 -3.91
C GLU A 128 22.61 -27.45 -5.41
N HIS A 129 21.37 -27.64 -5.87
CA HIS A 129 21.17 -28.25 -7.18
C HIS A 129 20.79 -27.30 -8.32
N LEU A 130 20.31 -26.10 -7.98
CA LEU A 130 19.69 -25.24 -8.99
C LEU A 130 20.46 -23.94 -9.21
N LEU A 131 20.49 -23.44 -10.44
CA LEU A 131 21.15 -22.15 -10.67
C LEU A 131 20.19 -20.98 -10.43
N LYS A 132 20.74 -19.77 -10.30
CA LYS A 132 19.91 -18.59 -10.02
C LYS A 132 19.49 -17.91 -11.29
N ALA A 133 18.19 -17.70 -11.45
CA ALA A 133 17.71 -16.89 -12.56
C ALA A 133 18.22 -15.49 -12.25
N GLY A 134 18.76 -14.81 -13.25
CA GLY A 134 19.22 -13.45 -13.04
C GLY A 134 20.45 -13.37 -12.15
N ALA A 135 21.30 -14.39 -12.22
CA ALA A 135 22.57 -14.37 -11.49
C ALA A 135 23.41 -13.15 -11.85
N ASN A 136 23.28 -12.68 -13.09
CA ASN A 136 24.06 -11.54 -13.58
C ASN A 136 23.34 -10.20 -13.42
N ILE A 137 22.24 -10.19 -12.68
CA ILE A 137 21.47 -8.98 -12.48
C ILE A 137 21.68 -8.44 -11.07
N THR A 138 22.20 -7.22 -10.95
CA THR A 138 22.18 -6.52 -9.69
C THR A 138 20.79 -5.94 -9.51
N PRO A 139 20.07 -6.38 -8.47
CA PRO A 139 18.72 -5.85 -8.23
C PRO A 139 18.73 -4.38 -7.85
N ARG A 140 17.64 -3.67 -8.11
CA ARG A 140 17.47 -2.27 -7.70
C ARG A 140 17.61 -2.19 -6.19
N GLU A 141 18.20 -1.10 -5.72
CA GLU A 141 18.42 -0.87 -4.29
C GLU A 141 17.16 -1.05 -3.45
N GLY A 142 16.18 -0.21 -3.65
CA GLY A 142 14.94 -0.40 -2.89
C GLY A 142 15.01 0.15 -1.47
N ASP A 143 13.90 0.65 -0.96
CA ASP A 143 13.96 1.38 0.29
C ASP A 143 12.88 0.95 1.28
N GLU A 144 12.54 1.82 2.23
CA GLU A 144 11.61 1.42 3.28
C GLU A 144 10.20 1.08 2.81
N LEU A 145 9.84 1.47 1.59
CA LEU A 145 8.53 1.12 1.05
C LEU A 145 8.46 -0.33 0.51
N ALA A 146 9.62 -0.94 0.29
CA ALA A 146 9.63 -2.28 -0.30
C ALA A 146 10.09 -3.34 0.69
N ARG A 147 9.15 -3.95 1.40
CA ARG A 147 9.48 -5.03 2.33
C ARG A 147 9.57 -6.35 1.52
N LEU A 148 10.07 -7.41 2.15
CA LEU A 148 10.16 -8.71 1.47
C LEU A 148 8.78 -9.20 1.05
N PRO A 149 8.59 -9.48 -0.25
CA PRO A 149 7.31 -10.00 -0.72
C PRO A 149 7.24 -11.52 -0.59
N TYR A 150 6.03 -12.07 -0.71
CA TYR A 150 5.89 -13.54 -0.70
C TYR A 150 5.11 -13.97 -1.93
N LEU A 151 5.10 -15.27 -2.20
CA LEU A 151 4.42 -15.79 -3.38
C LEU A 151 2.93 -15.82 -3.12
N ARG A 152 2.18 -14.99 -3.85
CA ARG A 152 0.75 -14.90 -3.62
C ARG A 152 0.03 -15.98 -4.41
N THR A 153 0.41 -16.17 -5.67
CA THR A 153 -0.24 -17.21 -6.50
C THR A 153 0.76 -17.81 -7.49
N TRP A 154 0.57 -19.07 -7.88
CA TRP A 154 1.40 -19.63 -8.94
C TRP A 154 0.63 -20.72 -9.67
N PHE A 155 0.97 -20.95 -10.94
CA PHE A 155 0.47 -22.14 -11.63
C PHE A 155 1.44 -22.44 -12.77
N ARG A 156 1.36 -23.64 -13.32
CA ARG A 156 2.19 -23.95 -14.49
C ARG A 156 1.27 -24.30 -15.65
N THR A 157 1.66 -23.86 -16.85
CA THR A 157 0.88 -24.12 -18.05
C THR A 157 1.67 -25.05 -18.92
N ARG A 158 1.18 -25.30 -20.13
CA ARG A 158 1.93 -26.08 -21.12
C ARG A 158 3.28 -25.46 -21.44
N SER A 159 3.39 -24.13 -21.32
CA SER A 159 4.55 -23.39 -21.83
C SER A 159 5.40 -22.71 -20.75
N ALA A 160 4.84 -22.48 -19.57
CA ALA A 160 5.57 -21.69 -18.57
C ALA A 160 5.13 -21.91 -17.14
N ILE A 161 5.96 -21.45 -16.20
CA ILE A 161 5.48 -21.33 -14.84
C ILE A 161 5.25 -19.84 -14.55
N ILE A 162 4.09 -19.57 -13.94
CA ILE A 162 3.67 -18.21 -13.64
C ILE A 162 3.68 -18.03 -12.12
N LEU A 163 4.39 -16.99 -11.68
CA LEU A 163 4.65 -16.70 -10.27
C LEU A 163 4.24 -15.27 -9.93
N HIS A 164 3.20 -15.11 -9.14
CA HIS A 164 2.65 -13.80 -8.80
C HIS A 164 2.98 -13.48 -7.35
N LEU A 165 3.83 -12.47 -7.17
CA LEU A 165 4.34 -12.04 -5.88
C LEU A 165 3.44 -11.00 -5.23
N SER A 166 3.51 -10.89 -3.90
CA SER A 166 2.63 -9.99 -3.16
C SER A 166 2.92 -8.49 -3.37
N ASN A 167 4.02 -8.14 -4.03
CA ASN A 167 4.27 -6.75 -4.38
C ASN A 167 3.69 -6.43 -5.75
N GLY A 168 2.88 -7.34 -6.29
CA GLY A 168 2.28 -7.15 -7.60
C GLY A 168 3.09 -7.65 -8.79
N SER A 169 4.39 -7.93 -8.58
CA SER A 169 5.20 -8.40 -9.70
C SER A 169 4.69 -9.75 -10.22
N VAL A 170 4.71 -9.92 -11.53
CA VAL A 170 4.37 -11.22 -12.10
C VAL A 170 5.54 -11.74 -12.93
N GLN A 171 6.03 -12.91 -12.55
CA GLN A 171 7.14 -13.52 -13.25
C GLN A 171 6.68 -14.71 -14.09
N ILE A 172 7.16 -14.83 -15.32
CA ILE A 172 6.80 -15.96 -16.16
C ILE A 172 8.09 -16.57 -16.71
N ASN A 173 8.32 -17.86 -16.41
CA ASN A 173 9.52 -18.58 -16.84
C ASN A 173 9.12 -19.61 -17.88
N PHE A 174 9.60 -19.43 -19.12
CA PHE A 174 9.19 -20.30 -20.22
C PHE A 174 10.06 -21.55 -20.25
N PHE A 175 9.39 -22.69 -20.33
CA PHE A 175 10.05 -23.99 -20.23
C PHE A 175 10.98 -24.34 -21.41
N GLN A 176 10.56 -24.02 -22.62
CA GLN A 176 11.29 -24.53 -23.80
C GLN A 176 12.65 -23.87 -23.99
N ASP A 177 12.67 -22.54 -23.98
CA ASP A 177 13.88 -21.80 -24.29
C ASP A 177 14.48 -21.05 -23.10
N HIS A 178 13.92 -21.31 -21.90
CA HIS A 178 14.42 -20.69 -20.65
C HIS A 178 14.32 -19.17 -20.65
N THR A 179 13.54 -18.61 -21.56
CA THR A 179 13.34 -17.15 -21.53
C THR A 179 12.38 -16.80 -20.40
N LYS A 180 12.53 -15.61 -19.84
CA LYS A 180 11.74 -15.22 -18.67
C LYS A 180 11.31 -13.76 -18.76
N LEU A 181 10.15 -13.47 -18.17
CA LEU A 181 9.63 -12.11 -18.03
C LEU A 181 9.43 -11.82 -16.56
N ILE A 182 9.81 -10.62 -16.12
CA ILE A 182 9.40 -10.15 -14.80
C ILE A 182 8.71 -8.83 -15.02
N LEU A 183 7.40 -8.81 -14.74
CA LEU A 183 6.58 -7.64 -14.95
C LEU A 183 6.31 -6.94 -13.63
N CYS A 184 6.49 -5.63 -13.59
CA CYS A 184 6.15 -4.87 -12.39
C CYS A 184 5.10 -3.84 -12.75
N PRO A 185 3.95 -3.89 -12.07
CA PRO A 185 2.87 -2.96 -12.42
C PRO A 185 2.99 -1.67 -11.60
N LEU A 186 3.88 -1.64 -10.62
CA LEU A 186 4.15 -0.40 -9.89
C LEU A 186 5.04 0.51 -10.74
N MET A 187 6.16 -0.06 -11.22
CA MET A 187 7.05 0.64 -12.14
C MET A 187 6.49 0.70 -13.57
N ALA A 188 5.47 -0.11 -13.86
CA ALA A 188 4.98 -0.30 -15.22
C ALA A 188 6.10 -0.70 -16.17
N ALA A 189 6.86 -1.72 -15.78
CA ALA A 189 8.05 -2.13 -16.52
C ALA A 189 8.06 -3.62 -16.74
N VAL A 190 8.89 -4.06 -17.68
CA VAL A 190 9.15 -5.48 -17.83
C VAL A 190 10.63 -5.76 -18.06
N THR A 191 11.13 -6.76 -17.35
CA THR A 191 12.48 -7.24 -17.55
C THR A 191 12.35 -8.50 -18.38
N TYR A 192 13.11 -8.56 -19.46
CA TYR A 192 13.12 -9.74 -20.30
C TYR A 192 14.49 -10.35 -20.23
N ILE A 193 14.52 -11.63 -19.84
CA ILE A 193 15.74 -12.44 -19.88
C ILE A 193 15.67 -13.38 -21.09
N ASP A 194 16.60 -13.23 -22.04
CA ASP A 194 16.57 -14.04 -23.24
C ASP A 194 17.38 -15.34 -23.11
N GLU A 195 17.44 -16.11 -24.20
CA GLU A 195 18.09 -17.41 -24.17
C GLU A 195 19.61 -17.34 -23.98
N LYS A 196 20.19 -16.15 -24.21
CA LYS A 196 21.61 -15.93 -23.93
C LYS A 196 21.86 -15.60 -22.46
N ARG A 197 20.77 -15.37 -21.73
CA ARG A 197 20.77 -14.90 -20.34
C ARG A 197 21.07 -13.40 -20.22
N ASP A 198 21.19 -12.74 -21.36
CA ASP A 198 21.16 -11.30 -21.39
C ASP A 198 19.78 -10.85 -20.91
N PHE A 199 19.75 -9.73 -20.21
CA PHE A 199 18.50 -9.22 -19.66
C PHE A 199 18.42 -7.76 -20.03
N ARG A 200 17.22 -7.28 -20.30
CA ARG A 200 17.01 -5.84 -20.45
C ARG A 200 15.73 -5.45 -19.74
N THR A 201 15.66 -4.21 -19.26
CA THR A 201 14.44 -3.74 -18.62
C THR A 201 13.89 -2.56 -19.38
N TYR A 202 12.59 -2.63 -19.67
CA TYR A 202 11.90 -1.63 -20.47
C TYR A 202 10.74 -1.00 -19.70
N ARG A 203 10.46 0.27 -19.99
CA ARG A 203 9.19 0.87 -19.56
C ARG A 203 8.14 0.48 -20.61
N LEU A 204 7.03 -0.09 -20.15
CA LEU A 204 6.00 -0.59 -21.06
C LEU A 204 5.49 0.50 -22.02
N SER A 205 5.26 1.71 -21.51
CA SER A 205 4.85 2.83 -22.35
C SER A 205 5.88 3.12 -23.45
N LEU A 206 7.16 3.03 -23.09
CA LEU A 206 8.24 3.22 -24.06
C LEU A 206 8.25 2.09 -25.11
N LEU A 207 7.79 0.91 -24.74
CA LEU A 207 7.65 -0.16 -25.72
C LEU A 207 6.47 0.13 -26.63
N GLU A 208 5.45 0.78 -26.09
CA GLU A 208 4.35 1.25 -26.93
C GLU A 208 4.90 2.23 -27.97
N GLU A 209 5.71 3.17 -27.51
CA GLU A 209 6.29 4.18 -28.40
C GLU A 209 7.25 3.62 -29.45
N TYR A 210 8.36 3.01 -29.02
CA TYR A 210 9.44 2.59 -29.93
C TYR A 210 9.34 1.17 -30.48
N GLY A 211 8.42 0.37 -29.94
CA GLY A 211 8.22 -0.99 -30.43
C GLY A 211 9.31 -1.95 -30.01
N CYS A 212 9.18 -3.22 -30.40
CA CYS A 212 10.15 -4.24 -30.01
C CYS A 212 10.13 -5.40 -30.99
N CYS A 213 11.04 -6.36 -30.83
CA CYS A 213 11.10 -7.49 -31.74
C CYS A 213 9.91 -8.41 -31.57
N LYS A 214 9.85 -9.41 -32.44
CA LYS A 214 8.75 -10.38 -32.45
C LYS A 214 8.72 -11.26 -31.20
N GLU A 215 9.89 -11.67 -30.71
CA GLU A 215 9.95 -12.57 -29.57
C GLU A 215 9.33 -11.95 -28.32
N LEU A 216 9.79 -10.75 -27.98
CA LEU A 216 9.25 -10.02 -26.84
C LEU A 216 7.77 -9.75 -27.03
N ALA A 217 7.37 -9.37 -28.24
CA ALA A 217 5.97 -9.12 -28.55
C ALA A 217 5.09 -10.33 -28.22
N SER A 218 5.48 -11.47 -28.78
CA SER A 218 4.80 -12.75 -28.54
C SER A 218 4.69 -13.05 -27.06
N ARG A 219 5.81 -12.92 -26.35
CA ARG A 219 5.81 -13.20 -24.91
C ARG A 219 4.95 -12.23 -24.10
N LEU A 220 4.79 -11.00 -24.58
CA LEU A 220 3.90 -10.06 -23.91
C LEU A 220 2.42 -10.35 -24.21
N ARG A 221 2.14 -10.91 -25.39
CA ARG A 221 0.77 -11.40 -25.64
C ARG A 221 0.42 -12.57 -24.71
N TYR A 222 1.34 -13.52 -24.63
CA TYR A 222 1.16 -14.64 -23.69
C TYR A 222 1.01 -14.14 -22.25
N ALA A 223 1.84 -13.17 -21.87
CA ALA A 223 1.73 -12.56 -20.55
C ALA A 223 0.36 -11.96 -20.31
N ARG A 224 -0.18 -11.27 -21.32
CA ARG A 224 -1.50 -10.68 -21.14
C ARG A 224 -2.50 -11.79 -20.84
N THR A 225 -2.41 -12.89 -21.60
CA THR A 225 -3.29 -14.04 -21.31
C THR A 225 -3.13 -14.59 -19.86
N MET A 226 -1.90 -14.68 -19.39
CA MET A 226 -1.66 -15.14 -18.02
C MET A 226 -2.23 -14.21 -16.96
N VAL A 227 -2.16 -12.90 -17.22
CA VAL A 227 -2.68 -11.94 -16.26
C VAL A 227 -4.21 -12.00 -16.23
N ASP A 228 -4.81 -12.21 -17.40
CA ASP A 228 -6.26 -12.41 -17.47
C ASP A 228 -6.64 -13.64 -16.67
N LYS A 229 -5.85 -14.71 -16.78
CA LYS A 229 -6.10 -15.88 -15.95
C LYS A 229 -5.99 -15.57 -14.44
N LEU A 230 -4.93 -14.87 -14.03
CA LEU A 230 -4.78 -14.54 -12.62
C LEU A 230 -5.94 -13.69 -12.10
N LEU A 231 -6.42 -12.78 -12.93
CA LEU A 231 -7.54 -11.93 -12.57
C LEU A 231 -8.83 -12.76 -12.49
N SER A 232 -8.91 -13.78 -13.35
CA SER A 232 -10.10 -14.60 -13.53
C SER A 232 -10.44 -15.46 -12.32
N SER A 233 -9.46 -16.20 -11.82
CA SER A 233 -9.63 -17.08 -10.66
C SER A 233 -10.33 -16.40 -9.48
N GLU B 5 -7.81 31.71 -1.21
CA GLU B 5 -9.25 31.82 -1.50
C GLU B 5 -9.98 30.63 -0.88
N PHE B 6 -9.81 29.45 -1.47
CA PHE B 6 -10.21 28.22 -0.81
C PHE B 6 -9.42 28.13 0.51
N GLY B 7 -8.15 28.55 0.47
CA GLY B 7 -7.34 28.65 1.69
C GLY B 7 -7.99 29.49 2.79
N GLU B 8 -8.66 30.58 2.42
CA GLU B 8 -9.36 31.39 3.42
C GLU B 8 -10.56 30.61 3.98
N VAL B 9 -11.24 29.84 3.12
CA VAL B 9 -12.30 28.96 3.60
C VAL B 9 -11.77 27.95 4.62
N VAL B 10 -10.63 27.33 4.28
CA VAL B 10 -9.99 26.35 5.15
C VAL B 10 -9.62 26.97 6.50
N ASP B 11 -9.04 28.17 6.44
CA ASP B 11 -8.70 28.92 7.64
C ASP B 11 -9.96 29.20 8.46
N CYS B 12 -11.04 29.53 7.78
CA CYS B 12 -12.32 29.74 8.46
C CYS B 12 -12.75 28.48 9.19
N HIS B 13 -12.56 27.32 8.57
CA HIS B 13 -12.96 26.09 9.22
C HIS B 13 -12.07 25.72 10.40
N LEU B 14 -10.79 26.07 10.31
CA LEU B 14 -9.89 25.96 11.45
C LEU B 14 -10.36 26.90 12.58
N SER B 15 -10.70 28.15 12.26
CA SER B 15 -11.08 29.07 13.32
C SER B 15 -12.43 28.68 13.92
N ASP B 16 -13.32 28.12 13.09
CA ASP B 16 -14.58 27.58 13.59
C ASP B 16 -14.31 26.44 14.55
N MET B 17 -13.43 25.53 14.16
CA MET B 17 -13.09 24.42 15.04
C MET B 17 -12.49 24.94 16.35
N LEU B 18 -11.63 25.94 16.25
CA LEU B 18 -11.00 26.53 17.42
C LEU B 18 -12.05 27.10 18.38
N GLN B 19 -13.05 27.81 17.85
CA GLN B 19 -14.09 28.40 18.71
C GLN B 19 -15.01 27.33 19.32
N GLN B 20 -15.29 26.28 18.53
CA GLN B 20 -16.08 25.14 19.03
C GLN B 20 -15.38 24.48 20.23
N LEU B 21 -14.11 24.13 20.03
CA LEU B 21 -13.27 23.54 21.04
C LEU B 21 -13.11 24.46 22.28
N HIS B 22 -12.88 25.75 22.03
CA HIS B 22 -12.73 26.70 23.12
C HIS B 22 -13.99 26.76 23.98
N SER B 23 -15.15 26.71 23.34
CA SER B 23 -16.41 26.77 24.10
C SER B 23 -16.56 25.54 25.00
N VAL B 24 -16.40 24.35 24.40
CA VAL B 24 -16.48 23.13 25.20
C VAL B 24 -15.46 23.11 26.36
N ASN B 25 -14.19 23.29 26.03
CA ASN B 25 -13.16 23.30 27.06
C ASN B 25 -13.38 24.33 28.17
N ALA B 26 -13.75 25.56 27.80
CA ALA B 26 -13.96 26.60 28.80
C ALA B 26 -15.14 26.27 29.70
N SER B 27 -16.09 25.47 29.21
CA SER B 27 -17.20 25.03 30.07
C SER B 27 -16.80 23.94 31.08
N LYS B 28 -15.52 23.54 31.08
CA LYS B 28 -14.99 22.50 31.97
C LYS B 28 -15.91 21.26 32.16
N PRO B 29 -16.09 20.47 31.09
CA PRO B 29 -17.10 19.40 31.06
C PRO B 29 -16.83 18.17 31.92
N SER B 30 -15.59 17.94 32.33
CA SER B 30 -15.31 16.81 33.21
C SER B 30 -15.58 17.15 34.69
N GLU B 31 -15.95 18.41 34.96
CA GLU B 31 -16.10 18.88 36.33
C GLU B 31 -17.56 19.15 36.70
N ARG B 32 -18.47 18.42 36.10
CA ARG B 32 -19.88 18.58 36.40
C ARG B 32 -20.28 17.68 37.56
N GLY B 33 -21.16 18.17 38.42
CA GLY B 33 -21.75 17.37 39.46
C GLY B 33 -22.46 16.19 38.83
N LEU B 34 -23.18 16.46 37.75
CA LEU B 34 -23.80 15.41 36.96
C LEU B 34 -23.27 15.46 35.54
N VAL B 35 -22.50 14.46 35.16
CA VAL B 35 -22.04 14.32 33.79
C VAL B 35 -22.91 13.30 33.06
N ARG B 36 -23.58 13.74 32.00
CA ARG B 36 -24.39 12.86 31.18
C ARG B 36 -23.83 12.81 29.75
N GLN B 37 -22.65 12.19 29.61
CA GLN B 37 -21.91 12.12 28.36
C GLN B 37 -22.71 11.48 27.22
N GLU B 38 -23.41 10.39 27.51
CA GLU B 38 -24.19 9.69 26.48
C GLU B 38 -25.28 10.57 25.87
N GLU B 39 -25.76 11.57 26.60
CA GLU B 39 -26.74 12.51 26.06
C GLU B 39 -26.17 13.41 24.95
N ALA B 40 -24.86 13.31 24.71
CA ALA B 40 -24.23 14.13 23.70
C ALA B 40 -24.02 13.33 22.42
N GLU B 41 -24.25 12.02 22.49
CA GLU B 41 -24.06 11.15 21.33
C GLU B 41 -25.01 11.50 20.20
N ASP B 42 -24.48 11.50 18.98
CA ASP B 42 -25.29 11.69 17.79
C ASP B 42 -24.61 10.96 16.64
N PRO B 43 -24.95 9.67 16.45
CA PRO B 43 -24.33 8.81 15.45
C PRO B 43 -24.59 9.24 14.00
N ALA B 44 -25.58 10.10 13.79
CA ALA B 44 -25.84 10.67 12.46
C ALA B 44 -24.79 11.72 12.10
N CYS B 45 -23.97 12.11 13.08
CA CYS B 45 -22.86 13.03 12.84
C CYS B 45 -21.58 12.29 12.53
N ILE B 46 -21.64 10.97 12.34
CA ILE B 46 -20.43 10.20 12.05
C ILE B 46 -19.85 10.76 10.73
N PRO B 47 -18.52 10.87 10.65
CA PRO B 47 -17.89 11.44 9.46
C PRO B 47 -18.05 10.59 8.21
N ILE B 48 -17.93 11.24 7.06
CA ILE B 48 -17.90 10.57 5.78
C ILE B 48 -16.49 10.06 5.54
N PHE B 49 -15.49 10.84 5.95
CA PHE B 49 -14.10 10.51 5.66
C PHE B 49 -13.21 10.63 6.89
N TRP B 50 -12.26 9.71 7.04
CA TRP B 50 -11.15 9.90 7.97
C TRP B 50 -9.94 9.16 7.38
N VAL B 51 -8.78 9.29 8.01
CA VAL B 51 -7.57 8.66 7.48
C VAL B 51 -7.48 7.30 8.13
N SER B 52 -7.51 6.23 7.33
CA SER B 52 -7.51 4.92 7.94
C SER B 52 -6.09 4.37 8.04
N LYS B 53 -5.17 4.89 7.21
CA LYS B 53 -3.77 4.42 7.26
C LYS B 53 -2.81 5.53 6.81
N TRP B 54 -1.58 5.52 7.31
CA TRP B 54 -0.61 6.52 6.84
C TRP B 54 0.82 5.98 6.95
N VAL B 55 1.71 6.55 6.13
CA VAL B 55 3.13 6.23 6.11
C VAL B 55 3.92 7.53 6.02
N ASP B 56 4.71 7.78 7.06
CA ASP B 56 5.53 8.98 7.09
C ASP B 56 6.89 8.66 6.49
N TYR B 57 7.01 8.83 5.17
CA TYR B 57 8.32 8.72 4.55
C TYR B 57 8.80 10.10 4.17
N SER B 58 8.67 11.04 5.11
CA SER B 58 9.03 12.42 4.82
C SER B 58 10.53 12.59 4.64
N ASP B 59 11.33 11.58 5.03
CA ASP B 59 12.78 11.66 4.80
C ASP B 59 13.09 11.77 3.30
N LYS B 60 12.28 11.11 2.49
CA LYS B 60 12.59 10.97 1.07
C LYS B 60 11.47 11.45 0.13
N TYR B 61 10.21 11.18 0.46
CA TYR B 61 9.13 11.45 -0.49
C TYR B 61 8.04 12.34 0.09
N GLY B 62 7.61 12.02 1.31
CA GLY B 62 6.49 12.68 1.90
C GLY B 62 5.59 11.71 2.65
N LEU B 63 4.31 12.07 2.70
CA LEU B 63 3.38 11.42 3.60
C LEU B 63 2.32 10.72 2.73
N GLY B 64 2.30 9.39 2.74
CA GLY B 64 1.24 8.68 2.03
C GLY B 64 0.14 8.32 3.00
N TYR B 65 -1.09 8.24 2.52
CA TYR B 65 -2.19 7.93 3.41
C TYR B 65 -3.30 7.27 2.63
N GLN B 66 -4.14 6.57 3.37
CA GLN B 66 -5.33 5.96 2.83
C GLN B 66 -6.52 6.45 3.64
N LEU B 67 -7.53 6.93 2.90
CA LEU B 67 -8.81 7.28 3.49
C LEU B 67 -9.74 6.06 3.57
N CYS B 68 -10.76 6.18 4.42
CA CYS B 68 -11.62 5.07 4.76
C CYS B 68 -12.46 4.51 3.60
N ASP B 69 -12.59 5.27 2.51
CA ASP B 69 -13.21 4.75 1.29
C ASP B 69 -12.20 4.03 0.39
N ASN B 70 -11.02 3.75 0.95
CA ASN B 70 -9.92 3.07 0.25
C ASN B 70 -9.24 3.87 -0.87
N SER B 71 -9.58 5.15 -1.02
CA SER B 71 -8.81 6.03 -1.89
C SER B 71 -7.46 6.28 -1.19
N VAL B 72 -6.43 6.66 -1.93
CA VAL B 72 -5.11 6.91 -1.36
C VAL B 72 -4.58 8.25 -1.82
N GLY B 73 -3.63 8.80 -1.08
CA GLY B 73 -3.03 10.04 -1.50
C GLY B 73 -1.63 10.20 -0.98
N VAL B 74 -0.90 11.14 -1.55
CA VAL B 74 0.42 11.46 -1.02
C VAL B 74 0.57 12.96 -1.01
N LEU B 75 0.98 13.49 0.14
CA LEU B 75 1.41 14.87 0.24
C LEU B 75 2.94 14.83 0.16
N PHE B 76 3.48 15.22 -1.00
CA PHE B 76 4.91 15.11 -1.26
C PHE B 76 5.69 16.22 -0.55
N ASN B 77 6.99 16.01 -0.40
CA ASN B 77 7.87 16.98 0.25
C ASN B 77 7.88 18.32 -0.49
N ASP B 78 7.67 18.28 -1.80
CA ASP B 78 7.69 19.50 -2.61
C ASP B 78 6.38 20.27 -2.53
N SER B 79 5.54 19.83 -1.60
CA SER B 79 4.22 20.40 -1.30
C SER B 79 3.13 20.20 -2.37
N THR B 80 3.38 19.33 -3.33
CA THR B 80 2.33 18.92 -4.27
C THR B 80 1.63 17.68 -3.71
N ARG B 81 0.38 17.48 -4.13
CA ARG B 81 -0.38 16.33 -3.65
C ARG B 81 -0.90 15.52 -4.83
N LEU B 82 -0.90 14.20 -4.68
CA LEU B 82 -1.46 13.34 -5.71
C LEU B 82 -2.46 12.39 -5.08
N ILE B 83 -3.66 12.34 -5.66
CA ILE B 83 -4.78 11.60 -5.09
C ILE B 83 -5.28 10.54 -6.08
N LEU B 84 -5.46 9.33 -5.59
CA LEU B 84 -6.01 8.26 -6.42
C LEU B 84 -7.37 7.82 -5.88
N TYR B 85 -8.40 7.99 -6.69
CA TYR B 85 -9.75 7.64 -6.24
C TYR B 85 -9.90 6.14 -6.03
N ASN B 86 -10.96 5.72 -5.35
CA ASN B 86 -11.15 4.30 -5.05
C ASN B 86 -11.52 3.43 -6.28
N ASP B 87 -11.64 4.04 -7.45
CA ASP B 87 -11.85 3.25 -8.67
C ASP B 87 -10.51 2.74 -9.23
N GLY B 88 -9.42 3.16 -8.60
CA GLY B 88 -8.09 2.72 -8.99
C GLY B 88 -7.53 3.40 -10.22
N ASP B 89 -8.25 4.40 -10.76
CA ASP B 89 -7.83 4.96 -12.02
C ASP B 89 -7.80 6.49 -12.06
N SER B 90 -8.83 7.13 -11.48
CA SER B 90 -8.89 8.57 -11.51
C SER B 90 -7.91 9.20 -10.52
N LEU B 91 -7.16 10.16 -11.00
CA LEU B 91 -6.19 10.92 -10.22
C LEU B 91 -6.59 12.38 -10.17
N GLN B 92 -6.30 13.00 -9.03
CA GLN B 92 -6.37 14.44 -8.90
C GLN B 92 -4.99 14.89 -8.46
N TYR B 93 -4.42 15.87 -9.14
CA TYR B 93 -3.10 16.39 -8.79
C TYR B 93 -3.23 17.85 -8.38
N ILE B 94 -2.59 18.22 -7.27
CA ILE B 94 -2.65 19.60 -6.82
C ILE B 94 -1.28 20.26 -6.84
N GLU B 95 -1.07 21.13 -7.82
CA GLU B 95 0.21 21.81 -8.02
C GLU B 95 0.61 22.64 -6.80
N ARG B 96 1.82 23.18 -6.83
CA ARG B 96 2.32 23.99 -5.73
C ARG B 96 1.51 25.29 -5.60
N ASP B 97 1.43 26.03 -6.71
CA ASP B 97 0.60 27.24 -6.79
C ASP B 97 -0.82 26.94 -6.32
N GLY B 98 -1.42 25.89 -6.87
CA GLY B 98 -2.67 25.39 -6.35
C GLY B 98 -3.62 24.85 -7.41
N THR B 99 -3.22 24.92 -8.67
CA THR B 99 -4.11 24.53 -9.76
C THR B 99 -4.44 23.04 -9.74
N GLU B 100 -5.56 22.71 -9.09
CA GLU B 100 -6.15 21.37 -9.14
C GLU B 100 -6.28 20.95 -10.61
N SER B 101 -5.74 19.78 -10.95
CA SER B 101 -5.92 19.24 -12.29
C SER B 101 -6.33 17.76 -12.18
N TYR B 102 -7.00 17.25 -13.19
CA TYR B 102 -7.57 15.90 -13.10
C TYR B 102 -7.06 15.04 -14.23
N LEU B 103 -6.77 13.78 -13.95
CA LEU B 103 -6.38 12.87 -15.03
C LEU B 103 -6.46 11.43 -14.58
N THR B 104 -5.78 10.53 -15.28
CA THR B 104 -5.96 9.10 -15.07
C THR B 104 -4.64 8.35 -15.00
N VAL B 105 -4.66 7.18 -14.37
CA VAL B 105 -3.47 6.33 -14.33
C VAL B 105 -3.13 5.83 -15.73
N SER B 106 -4.17 5.54 -16.52
CA SER B 106 -3.98 4.97 -17.85
C SER B 106 -3.49 5.99 -18.86
N SER B 107 -3.80 7.26 -18.63
CA SER B 107 -3.36 8.33 -19.54
C SER B 107 -2.78 9.49 -18.76
N HIS B 108 -1.52 9.36 -18.35
CA HIS B 108 -0.87 10.41 -17.58
C HIS B 108 0.32 10.97 -18.33
N PRO B 109 0.59 12.26 -18.13
CA PRO B 109 1.78 12.83 -18.78
C PRO B 109 3.01 12.20 -18.17
N ASN B 110 4.07 12.11 -18.97
CA ASN B 110 5.39 11.72 -18.49
C ASN B 110 5.68 12.41 -17.17
N SER B 111 5.32 13.69 -17.08
CA SER B 111 5.52 14.54 -15.90
C SER B 111 5.16 13.91 -14.55
N LEU B 112 4.21 12.97 -14.54
CA LEU B 112 3.75 12.39 -13.28
C LEU B 112 4.17 10.93 -13.03
N MET B 113 4.85 10.32 -14.00
CA MET B 113 5.17 8.88 -13.90
C MET B 113 5.85 8.49 -12.59
N LYS B 114 6.80 9.30 -12.15
CA LYS B 114 7.52 9.06 -10.91
C LYS B 114 6.55 9.14 -9.71
N LYS B 115 5.80 10.23 -9.61
CA LYS B 115 4.93 10.41 -8.45
C LYS B 115 3.85 9.33 -8.43
N ILE B 116 3.33 9.00 -9.62
CA ILE B 116 2.37 7.89 -9.71
C ILE B 116 2.97 6.60 -9.17
N THR B 117 4.19 6.30 -9.62
CA THR B 117 4.84 5.07 -9.16
C THR B 117 4.95 5.16 -7.64
N LEU B 118 5.32 6.33 -7.12
CA LEU B 118 5.54 6.43 -5.66
C LEU B 118 4.23 6.17 -4.94
N LEU B 119 3.15 6.73 -5.48
CA LEU B 119 1.85 6.57 -4.84
C LEU B 119 1.52 5.08 -4.81
N LYS B 120 1.82 4.39 -5.91
CA LYS B 120 1.54 2.96 -5.94
C LYS B 120 2.36 2.20 -4.89
N TYR B 121 3.63 2.58 -4.72
CA TYR B 121 4.43 1.97 -3.66
C TYR B 121 3.80 2.22 -2.29
N PHE B 122 3.34 3.46 -2.05
CA PHE B 122 2.71 3.72 -0.77
C PHE B 122 1.48 2.83 -0.65
N ARG B 123 0.72 2.74 -1.75
CA ARG B 123 -0.53 1.99 -1.72
C ARG B 123 -0.21 0.54 -1.34
N ASN B 124 0.85 0.03 -1.97
CA ASN B 124 1.16 -1.37 -1.75
C ASN B 124 1.52 -1.56 -0.29
N TYR B 125 2.34 -0.64 0.23
CA TYR B 125 2.83 -0.77 1.60
C TYR B 125 1.63 -0.77 2.53
N MET B 126 0.72 0.18 2.29
CA MET B 126 -0.39 0.29 3.24
C MET B 126 -1.30 -0.93 3.14
N SER B 127 -1.48 -1.44 1.92
CA SER B 127 -2.43 -2.55 1.78
C SER B 127 -1.76 -3.77 2.41
N GLU B 128 -0.43 -3.85 2.30
CA GLU B 128 0.18 -5.13 2.68
C GLU B 128 0.40 -5.27 4.19
N HIS B 129 0.71 -4.15 4.86
CA HIS B 129 1.27 -4.22 6.21
C HIS B 129 0.44 -3.56 7.32
N LEU B 130 -0.53 -2.71 6.95
CA LEU B 130 -1.21 -1.91 7.97
C LEU B 130 -2.70 -2.21 8.06
N LEU B 131 -3.25 -2.12 9.27
CA LEU B 131 -4.69 -2.24 9.45
C LEU B 131 -5.41 -0.90 9.26
N LYS B 132 -6.73 -0.97 9.07
CA LYS B 132 -7.56 0.19 8.84
C LYS B 132 -8.05 0.75 10.15
N ALA B 133 -7.79 2.03 10.41
CA ALA B 133 -8.40 2.68 11.57
C ALA B 133 -9.88 2.86 11.27
N GLY B 134 -10.72 2.60 12.26
CA GLY B 134 -12.15 2.79 12.10
C GLY B 134 -12.72 1.68 11.25
N ALA B 135 -12.03 0.54 11.25
CA ALA B 135 -12.48 -0.66 10.55
C ALA B 135 -13.93 -1.01 10.91
N ASN B 136 -14.29 -0.84 12.18
CA ASN B 136 -15.64 -1.13 12.63
C ASN B 136 -16.65 0.01 12.45
N ILE B 137 -16.26 1.06 11.72
CA ILE B 137 -17.16 2.21 11.56
C ILE B 137 -17.78 2.26 10.15
N THR B 138 -19.10 2.38 10.09
CA THR B 138 -19.76 2.61 8.81
C THR B 138 -19.80 4.12 8.53
N PRO B 139 -19.04 4.57 7.51
CA PRO B 139 -18.97 6.02 7.27
C PRO B 139 -20.34 6.59 6.91
N ARG B 140 -20.58 7.87 7.19
CA ARG B 140 -21.83 8.50 6.78
C ARG B 140 -21.92 8.46 5.27
N GLU B 141 -23.11 8.27 4.73
CA GLU B 141 -23.28 8.30 3.28
C GLU B 141 -23.06 9.74 2.80
N GLY B 142 -22.09 9.94 1.92
CA GLY B 142 -21.84 11.27 1.38
C GLY B 142 -22.80 11.55 0.25
N ASP B 143 -23.09 12.82 -0.01
CA ASP B 143 -23.89 13.14 -1.20
C ASP B 143 -23.11 13.97 -2.21
N GLU B 144 -23.82 14.63 -3.11
CA GLU B 144 -23.16 15.36 -4.20
C GLU B 144 -22.36 16.57 -3.71
N LEU B 145 -22.64 17.07 -2.52
CA LEU B 145 -21.81 18.15 -1.98
C LEU B 145 -20.48 17.69 -1.43
N ALA B 146 -20.31 16.40 -1.20
CA ALA B 146 -19.13 15.94 -0.48
C ALA B 146 -18.14 15.20 -1.37
N ARG B 147 -17.26 15.92 -2.06
CA ARG B 147 -16.26 15.26 -2.89
C ARG B 147 -15.04 14.84 -2.05
N LEU B 148 -14.25 13.93 -2.62
CA LEU B 148 -13.05 13.42 -1.94
C LEU B 148 -12.17 14.58 -1.52
N PRO B 149 -11.83 14.64 -0.23
CA PRO B 149 -10.93 15.65 0.30
C PRO B 149 -9.49 15.18 0.13
N TYR B 150 -8.53 16.05 0.39
CA TYR B 150 -7.14 15.63 0.33
C TYR B 150 -6.46 16.13 1.61
N LEU B 151 -5.25 15.66 1.85
CA LEU B 151 -4.54 16.09 3.04
C LEU B 151 -3.98 17.48 2.81
N ARG B 152 -4.54 18.44 3.54
CA ARG B 152 -4.11 19.82 3.48
C ARG B 152 -2.81 20.03 4.28
N THR B 153 -2.79 19.57 5.54
CA THR B 153 -1.59 19.75 6.38
C THR B 153 -1.44 18.55 7.28
N TRP B 154 -0.22 18.28 7.73
CA TRP B 154 -0.02 17.26 8.76
C TRP B 154 1.27 17.58 9.51
N PHE B 155 1.36 17.11 10.75
CA PHE B 155 2.62 17.12 11.48
C PHE B 155 2.51 16.10 12.57
N ARG B 156 3.61 15.78 13.22
CA ARG B 156 3.56 14.85 14.32
C ARG B 156 4.26 15.43 15.52
N THR B 157 3.79 15.08 16.71
CA THR B 157 4.35 15.62 17.95
C THR B 157 4.86 14.46 18.78
N ARG B 158 5.24 14.74 20.02
CA ARG B 158 5.67 13.68 20.92
C ARG B 158 4.52 12.72 21.24
N SER B 159 3.28 13.21 21.15
CA SER B 159 2.09 12.44 21.54
C SER B 159 1.20 11.91 20.41
N ALA B 160 1.24 12.54 19.23
CA ALA B 160 0.23 12.24 18.20
C ALA B 160 0.67 12.58 16.78
N ILE B 161 -0.07 12.08 15.81
CA ILE B 161 0.01 12.64 14.47
C ILE B 161 -1.28 13.40 14.21
N ILE B 162 -1.13 14.57 13.59
CA ILE B 162 -2.24 15.49 13.34
C ILE B 162 -2.39 15.60 11.84
N LEU B 163 -3.59 15.25 11.37
CA LEU B 163 -3.91 15.17 9.96
C LEU B 163 -5.09 16.10 9.64
N HIS B 164 -4.85 17.10 8.80
CA HIS B 164 -5.83 18.12 8.46
C HIS B 164 -6.24 18.00 7.01
N LEU B 165 -7.51 17.62 6.82
CA LEU B 165 -8.10 17.41 5.49
C LEU B 165 -8.73 18.69 4.93
N SER B 166 -8.82 18.73 3.60
CA SER B 166 -9.32 19.91 2.89
C SER B 166 -10.79 20.19 3.16
N ASN B 167 -11.55 19.18 3.59
CA ASN B 167 -12.93 19.41 4.01
C ASN B 167 -13.05 20.00 5.44
N GLY B 168 -11.92 20.34 6.06
CA GLY B 168 -11.98 20.99 7.37
C GLY B 168 -11.78 20.06 8.54
N SER B 169 -12.01 18.77 8.33
CA SER B 169 -11.79 17.76 9.36
C SER B 169 -10.35 17.74 9.86
N VAL B 170 -10.21 17.51 11.16
CA VAL B 170 -8.90 17.38 11.75
C VAL B 170 -8.91 16.09 12.54
N GLN B 171 -7.94 15.23 12.25
CA GLN B 171 -7.86 13.96 12.94
C GLN B 171 -6.58 13.90 13.73
N ILE B 172 -6.67 13.41 14.96
CA ILE B 172 -5.50 13.31 15.80
C ILE B 172 -5.39 11.88 16.28
N ASN B 173 -4.31 11.22 15.92
CA ASN B 173 -4.11 9.83 16.34
C ASN B 173 -3.04 9.81 17.41
N PHE B 174 -3.39 9.37 18.61
CA PHE B 174 -2.42 9.36 19.73
C PHE B 174 -1.53 8.10 19.73
N PHE B 175 -0.23 8.28 19.94
CA PHE B 175 0.71 7.17 19.77
C PHE B 175 0.68 6.17 20.93
N GLN B 176 0.58 6.67 22.15
CA GLN B 176 0.78 5.81 23.32
C GLN B 176 -0.33 4.75 23.46
N ASP B 177 -1.58 5.16 23.25
CA ASP B 177 -2.71 4.28 23.54
C ASP B 177 -3.63 4.01 22.33
N HIS B 178 -3.24 4.54 21.17
CA HIS B 178 -3.97 4.32 19.93
C HIS B 178 -5.38 4.92 19.93
N THR B 179 -5.62 5.83 20.85
CA THR B 179 -6.89 6.57 20.84
C THR B 179 -6.86 7.62 19.73
N LYS B 180 -8.02 7.98 19.21
CA LYS B 180 -8.08 8.85 18.05
C LYS B 180 -9.27 9.80 18.13
N LEU B 181 -9.09 11.02 17.61
CA LEU B 181 -10.16 12.02 17.54
C LEU B 181 -10.33 12.34 16.07
N ILE B 182 -11.58 12.38 15.60
CA ILE B 182 -11.88 12.92 14.28
C ILE B 182 -12.81 14.10 14.51
N LEU B 183 -12.30 15.30 14.24
CA LEU B 183 -13.07 16.53 14.46
C LEU B 183 -13.61 17.10 13.16
N CYS B 184 -14.90 17.44 13.13
CA CYS B 184 -15.48 18.07 11.95
C CYS B 184 -16.13 19.40 12.30
N PRO B 185 -15.66 20.49 11.68
CA PRO B 185 -16.13 21.84 11.98
C PRO B 185 -17.41 22.16 11.22
N LEU B 186 -17.77 21.30 10.27
CA LEU B 186 -19.01 21.50 9.53
C LEU B 186 -20.18 20.92 10.33
N MET B 187 -20.02 19.68 10.81
CA MET B 187 -21.02 19.07 11.70
C MET B 187 -20.86 19.57 13.14
N ALA B 188 -19.72 20.22 13.43
CA ALA B 188 -19.37 20.65 14.80
C ALA B 188 -19.43 19.44 15.73
N ALA B 189 -18.76 18.39 15.30
CA ALA B 189 -18.84 17.11 15.99
C ALA B 189 -17.45 16.57 16.24
N VAL B 190 -17.36 15.66 17.21
CA VAL B 190 -16.12 14.92 17.42
C VAL B 190 -16.42 13.43 17.55
N THR B 191 -15.63 12.62 16.84
CA THR B 191 -15.71 11.18 16.97
C THR B 191 -14.49 10.72 17.75
N TYR B 192 -14.73 9.97 18.81
CA TYR B 192 -13.63 9.45 19.63
C TYR B 192 -13.56 7.93 19.54
N ILE B 193 -12.38 7.45 19.18
CA ILE B 193 -12.06 6.03 19.14
C ILE B 193 -11.17 5.73 20.34
N ASP B 194 -11.67 4.90 21.27
CA ASP B 194 -10.91 4.55 22.46
C ASP B 194 -9.91 3.42 22.24
N GLU B 195 -9.14 3.09 23.28
CA GLU B 195 -8.12 2.04 23.18
C GLU B 195 -8.69 0.66 22.85
N LYS B 196 -9.99 0.49 23.01
CA LYS B 196 -10.65 -0.78 22.68
C LYS B 196 -11.29 -0.74 21.29
N ARG B 197 -11.03 0.33 20.55
CA ARG B 197 -11.59 0.53 19.20
C ARG B 197 -13.11 0.70 19.19
N ASP B 198 -13.69 0.82 20.38
CA ASP B 198 -15.05 1.30 20.51
C ASP B 198 -15.06 2.78 20.11
N PHE B 199 -16.09 3.18 19.38
CA PHE B 199 -16.15 4.55 18.89
C PHE B 199 -17.49 5.23 19.21
N ARG B 200 -17.45 6.53 19.51
CA ARG B 200 -18.68 7.29 19.68
C ARG B 200 -18.57 8.69 19.07
N THR B 201 -19.69 9.21 18.59
CA THR B 201 -19.74 10.53 17.97
C THR B 201 -20.61 11.48 18.76
N TYR B 202 -20.11 12.70 18.98
CA TYR B 202 -20.81 13.72 19.77
C TYR B 202 -20.94 15.02 19.04
N ARG B 203 -22.01 15.75 19.31
CA ARG B 203 -22.09 17.15 18.92
C ARG B 203 -21.36 17.89 20.03
N LEU B 204 -20.39 18.75 19.67
CA LEU B 204 -19.57 19.44 20.66
C LEU B 204 -20.40 20.30 21.63
N SER B 205 -21.42 20.97 21.10
CA SER B 205 -22.26 21.87 21.89
C SER B 205 -22.96 21.13 23.04
N LEU B 206 -23.31 19.87 22.82
CA LEU B 206 -23.95 19.09 23.87
C LEU B 206 -22.94 18.41 24.80
N LEU B 207 -21.68 18.33 24.38
CA LEU B 207 -20.63 17.97 25.33
C LEU B 207 -20.52 19.11 26.30
N GLU B 208 -20.61 20.33 25.77
CA GLU B 208 -20.60 21.52 26.60
C GLU B 208 -21.81 21.50 27.52
N GLU B 209 -22.96 21.04 27.01
CA GLU B 209 -24.20 21.06 27.80
C GLU B 209 -24.28 19.98 28.88
N TYR B 210 -23.97 18.74 28.53
CA TYR B 210 -24.21 17.59 29.41
C TYR B 210 -22.94 17.05 30.05
N GLY B 211 -21.80 17.68 29.76
CA GLY B 211 -20.52 17.27 30.31
C GLY B 211 -19.93 16.06 29.61
N CYS B 212 -18.71 15.67 30.00
CA CYS B 212 -18.10 14.45 29.48
C CYS B 212 -17.02 13.92 30.43
N CYS B 213 -16.58 12.68 30.23
CA CYS B 213 -15.57 12.09 31.11
C CYS B 213 -14.21 12.78 30.97
N LYS B 214 -13.31 12.50 31.92
CA LYS B 214 -12.00 13.18 31.99
C LYS B 214 -11.08 12.89 30.81
N GLU B 215 -11.12 11.66 30.31
CA GLU B 215 -10.26 11.25 29.19
C GLU B 215 -10.58 12.04 27.91
N LEU B 216 -11.87 12.12 27.58
CA LEU B 216 -12.31 12.88 26.42
C LEU B 216 -11.98 14.37 26.61
N ALA B 217 -12.19 14.89 27.82
CA ALA B 217 -11.87 16.27 28.14
C ALA B 217 -10.40 16.61 27.91
N SER B 218 -9.53 15.70 28.34
CA SER B 218 -8.08 15.88 28.21
C SER B 218 -7.71 15.89 26.74
N ARG B 219 -8.25 14.93 26.00
CA ARG B 219 -7.99 14.87 24.57
C ARG B 219 -8.48 16.10 23.82
N LEU B 220 -9.65 16.64 24.21
CA LEU B 220 -10.16 17.88 23.61
C LEU B 220 -9.29 19.11 23.94
N ARG B 221 -8.73 19.15 25.16
CA ARG B 221 -7.76 20.21 25.49
C ARG B 221 -6.53 20.16 24.56
N TYR B 222 -5.96 18.96 24.43
CA TYR B 222 -4.85 18.77 23.49
C TYR B 222 -5.24 19.16 22.05
N ALA B 223 -6.42 18.71 21.63
CA ALA B 223 -6.91 19.00 20.29
C ALA B 223 -6.93 20.51 20.07
N ARG B 224 -7.42 21.25 21.06
CA ARG B 224 -7.47 22.71 20.91
C ARG B 224 -6.06 23.26 20.66
N THR B 225 -5.09 22.75 21.42
CA THR B 225 -3.70 23.20 21.21
C THR B 225 -3.20 22.91 19.77
N MET B 226 -3.57 21.73 19.27
CA MET B 226 -3.17 21.32 17.93
C MET B 226 -3.82 22.20 16.85
N VAL B 227 -5.08 22.58 17.06
CA VAL B 227 -5.78 23.47 16.13
C VAL B 227 -5.16 24.88 16.17
N ASP B 228 -4.82 25.35 17.36
CA ASP B 228 -4.05 26.61 17.49
C ASP B 228 -2.81 26.54 16.60
N LYS B 229 -2.10 25.41 16.67
CA LYS B 229 -0.88 25.27 15.89
C LYS B 229 -1.16 25.24 14.37
N LEU B 230 -2.15 24.46 13.93
CA LEU B 230 -2.56 24.47 12.52
C LEU B 230 -2.83 25.89 12.01
N LEU B 231 -3.56 26.66 12.82
CA LEU B 231 -3.95 28.01 12.45
C LEU B 231 -2.72 28.92 12.36
N SER B 232 -1.80 28.77 13.32
CA SER B 232 -0.65 29.66 13.37
C SER B 232 0.22 29.43 12.14
N SER B 233 0.39 28.17 11.76
CA SER B 233 1.22 27.82 10.61
C SER B 233 0.68 28.33 9.27
N ARG B 234 -0.55 28.84 9.26
CA ARG B 234 -1.16 29.40 8.05
C ARG B 234 -1.26 30.92 8.10
N ASN C 6 5.00 6.55 17.73
CA ASN C 6 5.84 7.50 18.45
C ASN C 6 6.97 8.02 17.57
N ALA C 7 7.97 7.17 17.30
CA ALA C 7 8.99 7.44 16.30
C ALA C 7 8.78 6.48 15.13
N ALA C 8 7.59 5.92 15.07
CA ALA C 8 7.22 4.96 14.05
C ALA C 8 7.18 5.58 12.64
N PHE C 9 7.58 4.76 11.68
CA PHE C 9 7.53 5.05 10.26
C PHE C 9 6.08 5.18 9.72
N SER C 10 5.13 4.49 10.34
CA SER C 10 3.79 4.39 9.76
C SER C 10 2.73 4.22 10.83
N SER C 11 1.46 4.20 10.40
CA SER C 11 0.35 3.95 11.32
C SER C 11 0.41 2.50 11.81
N TPO C 12 -0.54 2.14 12.67
CA TPO C 12 -0.57 0.83 13.31
CB TPO C 12 -1.75 0.76 14.29
CG2 TPO C 12 -1.86 -0.63 14.89
OG1 TPO C 12 -1.49 1.68 15.35
P TPO C 12 -2.51 2.92 15.31
O1P TPO C 12 -2.05 3.89 16.50
O2P TPO C 12 -4.02 2.44 15.49
O3P TPO C 12 -2.47 3.63 14.00
C TPO C 12 -0.57 -0.39 12.35
O TPO C 12 -1.39 -0.48 11.43
N PRO C 13 0.37 -1.33 12.56
CA PRO C 13 0.55 -2.59 11.80
C PRO C 13 -0.61 -3.59 11.92
N LYS C 14 -0.67 -4.57 11.02
CA LYS C 14 -1.70 -5.61 11.07
C LYS C 14 -1.53 -6.52 12.30
N ALA D 7 7.48 -30.50 -17.66
CA ALA D 7 7.39 -31.65 -16.76
C ALA D 7 8.60 -31.72 -15.83
N ALA D 8 9.29 -30.60 -15.68
CA ALA D 8 10.38 -30.52 -14.71
C ALA D 8 9.80 -30.53 -13.31
N PHE D 9 10.51 -31.15 -12.40
CA PHE D 9 10.18 -31.10 -10.98
C PHE D 9 10.51 -29.69 -10.44
N SER D 10 11.50 -29.05 -11.04
CA SER D 10 12.05 -27.83 -10.46
C SER D 10 12.52 -26.88 -11.54
N SER D 11 13.00 -25.71 -11.11
CA SER D 11 13.56 -24.74 -12.04
C SER D 11 14.88 -25.29 -12.59
N TPO D 12 15.50 -24.54 -13.53
CA TPO D 12 16.75 -24.94 -14.19
CB TPO D 12 17.19 -23.86 -15.19
CG2 TPO D 12 18.51 -24.26 -15.84
OG1 TPO D 12 16.21 -23.79 -16.23
P TPO D 12 15.42 -22.39 -16.14
O1P TPO D 12 16.35 -21.26 -16.41
O2P TPO D 12 14.23 -22.40 -17.22
O3P TPO D 12 14.85 -22.22 -14.65
C TPO D 12 17.91 -25.28 -13.22
O TPO D 12 18.38 -24.44 -12.48
N PRO D 13 18.35 -26.55 -13.24
CA PRO D 13 19.42 -26.99 -12.34
C PRO D 13 20.82 -26.54 -12.80
N LYS D 14 21.81 -26.72 -11.92
CA LYS D 14 23.22 -26.58 -12.30
C LYS D 14 23.67 -27.77 -13.14
C1 GOL E . 10.59 3.53 -4.09
O1 GOL E . 10.13 3.61 -2.77
C2 GOL E . 10.39 2.10 -4.59
O2 GOL E . 11.35 1.85 -5.60
C3 GOL E . 10.62 1.12 -3.44
O3 GOL E . 12.01 1.09 -3.16
C1 GOL F . 8.73 15.43 -4.32
O1 GOL F . 8.99 16.16 -3.15
C2 GOL F . 9.77 14.33 -4.46
O2 GOL F . 10.36 14.05 -3.20
C3 GOL F . 9.13 13.07 -5.02
O3 GOL F . 9.38 13.04 -6.41
C1 GOL G . -24.40 16.59 4.38
O1 GOL G . -23.47 15.89 5.18
C2 GOL G . -23.73 17.03 3.08
O2 GOL G . -24.70 17.16 2.05
C3 GOL G . -22.66 16.00 2.73
O3 GOL G . -23.23 14.72 2.57
#